data_6P3B
#
_entry.id   6P3B
#
_cell.length_a   80.184
_cell.length_b   71.821
_cell.length_c   87.683
_cell.angle_alpha   90.000
_cell.angle_beta   110.094
_cell.angle_gamma   90.000
#
_symmetry.space_group_name_H-M   'C 1 2 1'
#
loop_
_entity.id
_entity.type
_entity.pdbx_description
1 polymer 'DH501UCA Fab Heavy chain'
2 polymer 'DH501UCA Fab Light chain'
3 non-polymer 1,2-ETHANEDIOL
4 water water
#
loop_
_entity_poly.entity_id
_entity_poly.type
_entity_poly.pdbx_seq_one_letter_code
_entity_poly.pdbx_strand_id
1 'polypeptide(L)'
;QVTLKESGPALVKPTQTLTLTCTFSGFSLSTGMGVGWIRQPPGKALEWLASIYWDDDKYYSTSLKSRLTISKDTSKNQVV
LTMTNMDPVDTATYYCARVRFVSGGWYTDRIDYWGQGVLVTVSSASTKGPSVFPLAPSSRSTSESTAALGCLVKDYFPEP
VTVSWNSGSLTSGVHTFPAVLQSSGLYSLSSVVTVPSSSLGTQTYVCNVNHKPSNTKVDKRVEIKTCGG
;
H
2 'polypeptide(L)'
;QSVLTQPPSVSGAPGQRVTISCTGSSSNIGGYYVSWYQQLPGTTPKLLIYQDNKRPSGVSDRFSGSKSGTSASLTITGLQ
TEDEADYYCLSYDTSFSGWRFGGGTRLTVLGQPKASPTVTLFPPSSEELQANKATLVCLISDFYPGVVKVAWKADGSAVN
AGVETTTPSKQSNNKYAASSYLSLTSDQWKSHKSYSCQVTHEGSTVEKTVAPAECS
;
L
#
# COMPACT_ATOMS: atom_id res chain seq x y z
N VAL A 2 -3.91 21.58 -9.49
CA VAL A 2 -2.70 21.13 -8.82
C VAL A 2 -2.63 19.59 -8.85
N THR A 3 -1.95 19.06 -9.86
CA THR A 3 -1.80 17.61 -10.02
C THR A 3 -0.34 17.30 -10.34
N LEU A 4 0.29 16.53 -9.47
CA LEU A 4 1.66 16.08 -9.67
C LEU A 4 1.68 14.60 -10.08
N LYS A 5 2.64 14.25 -10.92
CA LYS A 5 2.63 12.93 -11.57
C LYS A 5 4.06 12.43 -11.74
N GLU A 6 4.34 11.24 -11.22
CA GLU A 6 5.64 10.60 -11.37
C GLU A 6 5.58 9.54 -12.47
N SER A 7 6.74 9.28 -13.08
CA SER A 7 6.84 8.24 -14.09
C SER A 7 8.27 7.68 -14.10
N GLY A 8 8.38 6.36 -14.19
CA GLY A 8 9.66 5.71 -14.21
C GLY A 8 9.50 4.21 -14.40
N PRO A 9 10.64 3.50 -14.52
CA PRO A 9 10.55 2.04 -14.72
C PRO A 9 10.08 1.34 -13.45
N ALA A 10 9.26 0.32 -13.64
CA ALA A 10 8.79 -0.47 -12.51
C ALA A 10 9.88 -1.38 -11.94
N LEU A 11 10.88 -1.72 -12.74
CA LEU A 11 11.94 -2.65 -12.34
C LEU A 11 13.28 -2.09 -12.76
N VAL A 12 14.23 -2.08 -11.82
CA VAL A 12 15.59 -1.61 -12.07
C VAL A 12 16.55 -2.69 -11.59
N LYS A 13 17.53 -3.04 -12.41
CA LYS A 13 18.50 -4.02 -12.00
C LYS A 13 19.54 -3.39 -11.07
N PRO A 14 20.13 -4.18 -10.17
CA PRO A 14 21.13 -3.63 -9.25
C PRO A 14 22.29 -2.96 -9.99
N THR A 15 22.83 -1.91 -9.36
CA THR A 15 23.92 -1.05 -9.83
C THR A 15 23.56 -0.23 -11.06
N GLN A 16 22.34 -0.36 -11.58
CA GLN A 16 21.92 0.47 -12.71
C GLN A 16 21.35 1.79 -12.20
N THR A 17 21.02 2.67 -13.14
CA THR A 17 20.59 4.02 -12.83
C THR A 17 19.07 4.13 -12.94
N LEU A 18 18.45 4.71 -11.91
CA LEU A 18 17.03 5.03 -11.93
C LEU A 18 16.85 6.50 -12.26
N THR A 19 15.94 6.78 -13.19
CA THR A 19 15.64 8.15 -13.61
C THR A 19 14.14 8.37 -13.51
N LEU A 20 13.72 9.22 -12.58
CA LEU A 20 12.33 9.63 -12.45
C LEU A 20 12.12 10.96 -13.16
N THR A 21 10.87 11.21 -13.54
CA THR A 21 10.48 12.51 -14.08
C THR A 21 9.07 12.84 -13.60
N CYS A 22 8.90 14.04 -13.07
CA CYS A 22 7.64 14.48 -12.48
C CYS A 22 7.07 15.62 -13.33
N THR A 23 6.02 15.32 -14.09
CA THR A 23 5.34 16.35 -14.87
C THR A 23 4.26 16.98 -13.99
N PHE A 24 4.19 18.31 -13.99
CA PHE A 24 3.41 19.02 -13.00
C PHE A 24 2.32 19.86 -13.65
N SER A 25 1.42 20.34 -12.80
CA SER A 25 0.29 21.16 -13.19
C SER A 25 -0.12 22.02 -12.01
N GLY A 26 -0.58 23.23 -12.31
CA GLY A 26 -1.05 24.14 -11.29
C GLY A 26 -0.04 25.16 -10.79
N PHE A 27 1.16 25.20 -11.39
CA PHE A 27 2.16 26.19 -11.02
C PHE A 27 3.31 26.20 -12.03
N SER A 28 4.48 26.66 -11.58
CA SER A 28 5.72 26.64 -12.31
C SER A 28 6.81 27.12 -11.36
N LEU A 29 8.02 26.59 -11.52
CA LEU A 29 9.10 26.93 -10.61
C LEU A 29 9.38 28.43 -10.63
N SER A 30 8.60 29.16 -9.84
CA SER A 30 8.64 30.61 -9.77
C SER A 30 8.80 30.98 -8.30
N THR A 31 8.39 32.21 -7.96
CA THR A 31 8.04 32.62 -6.59
C THR A 31 9.16 32.26 -5.60
N GLY A 32 8.84 31.64 -4.48
CA GLY A 32 9.72 30.77 -3.71
C GLY A 32 9.03 29.43 -3.58
N MET A 33 8.86 28.75 -4.71
CA MET A 33 8.24 27.43 -4.78
C MET A 33 9.25 26.44 -5.35
N GLY A 34 9.08 25.17 -4.97
CA GLY A 34 9.92 24.11 -5.47
C GLY A 34 9.18 22.79 -5.48
N VAL A 35 9.84 21.78 -6.04
CA VAL A 35 9.27 20.43 -6.15
C VAL A 35 10.25 19.44 -5.56
N GLY A 36 9.74 18.51 -4.75
CA GLY A 36 10.58 17.60 -3.99
C GLY A 36 10.34 16.14 -4.34
N TRP A 37 11.27 15.29 -3.87
CA TRP A 37 11.21 13.86 -4.08
C TRP A 37 11.35 13.17 -2.73
N ILE A 38 10.35 12.35 -2.38
CA ILE A 38 10.34 11.59 -1.14
C ILE A 38 9.97 10.15 -1.47
N ARG A 39 10.70 9.21 -0.91
CA ARG A 39 10.44 7.79 -1.14
C ARG A 39 9.94 7.12 0.12
N GLN A 40 9.39 5.92 -0.05
CA GLN A 40 8.78 5.18 1.05
C GLN A 40 8.84 3.70 0.71
N PRO A 41 9.75 2.94 1.33
CA PRO A 41 9.71 1.49 1.16
C PRO A 41 8.39 0.95 1.62
N PRO A 42 7.94 -0.18 1.05
CA PRO A 42 6.60 -0.69 1.36
C PRO A 42 6.41 -0.93 2.85
N GLY A 43 5.42 -0.24 3.41
CA GLY A 43 5.12 -0.36 4.83
C GLY A 43 6.09 0.32 5.76
N LYS A 44 6.98 1.16 5.26
CA LYS A 44 8.01 1.79 6.06
C LYS A 44 7.88 3.31 6.01
N ALA A 45 8.86 4.01 6.59
CA ALA A 45 8.77 5.44 6.80
C ALA A 45 9.15 6.21 5.54
N LEU A 46 8.77 7.48 5.51
CA LEU A 46 9.12 8.38 4.42
C LEU A 46 10.56 8.84 4.56
N GLU A 47 11.25 8.95 3.43
CA GLU A 47 12.63 9.44 3.40
C GLU A 47 12.74 10.54 2.36
N TRP A 48 13.07 11.75 2.80
CA TRP A 48 13.29 12.84 1.87
C TRP A 48 14.59 12.60 1.12
N LEU A 49 14.53 12.72 -0.21
CA LEU A 49 15.69 12.48 -1.07
C LEU A 49 16.34 13.78 -1.52
N ALA A 50 15.62 14.59 -2.28
CA ALA A 50 16.16 15.83 -2.82
C ALA A 50 15.00 16.73 -3.22
N SER A 51 15.33 17.99 -3.51
CA SER A 51 14.35 18.99 -3.92
C SER A 51 15.08 20.15 -4.57
N ILE A 52 14.36 20.82 -5.47
CA ILE A 52 14.89 21.92 -6.26
C ILE A 52 13.93 23.09 -6.20
N TYR A 53 14.48 24.30 -6.19
CA TYR A 53 13.68 25.50 -5.96
C TYR A 53 13.63 26.41 -7.19
N TRP A 54 13.21 27.65 -6.98
CA TRP A 54 13.17 28.61 -8.09
C TRP A 54 14.59 28.99 -8.53
N ASP A 55 15.54 29.02 -7.58
CA ASP A 55 16.93 29.32 -7.84
C ASP A 55 17.61 28.30 -8.74
N ASP A 56 16.93 27.23 -9.12
CA ASP A 56 17.57 25.96 -9.39
C ASP A 56 18.51 25.58 -8.27
N ASP A 57 18.22 26.04 -7.06
CA ASP A 57 18.98 25.65 -5.89
C ASP A 57 18.69 24.19 -5.59
N LYS A 58 19.71 23.36 -5.62
CA LYS A 58 19.58 21.92 -5.48
C LYS A 58 20.02 21.52 -4.08
N TYR A 59 19.17 20.78 -3.39
CA TYR A 59 19.49 20.23 -2.08
C TYR A 59 19.35 18.72 -2.14
N TYR A 60 20.31 18.00 -1.56
CA TYR A 60 20.35 16.55 -1.61
C TYR A 60 20.50 15.99 -0.20
N SER A 61 20.22 14.70 -0.06
CA SER A 61 20.45 14.00 1.18
C SER A 61 21.91 13.57 1.27
N THR A 62 22.55 13.89 2.39
CA THR A 62 23.95 13.48 2.58
C THR A 62 24.09 11.97 2.60
N SER A 63 23.04 11.25 3.02
CA SER A 63 23.08 9.80 2.97
C SER A 63 23.25 9.27 1.55
N LEU A 64 22.89 10.06 0.54
CA LEU A 64 22.99 9.64 -0.85
C LEU A 64 23.99 10.51 -1.59
N LYS A 65 25.26 10.47 -1.16
CA LYS A 65 26.31 11.36 -1.62
C LYS A 65 26.38 11.51 -3.14
N SER A 66 27.10 10.59 -3.80
CA SER A 66 27.40 10.71 -5.21
C SER A 66 26.27 10.23 -6.12
N ARG A 67 25.13 9.85 -5.57
CA ARG A 67 24.11 9.14 -6.34
C ARG A 67 23.02 10.04 -6.91
N LEU A 68 22.84 11.25 -6.38
CA LEU A 68 21.67 12.05 -6.69
C LEU A 68 22.03 13.25 -7.56
N THR A 69 21.32 13.40 -8.68
CA THR A 69 21.26 14.63 -9.45
C THR A 69 19.80 14.97 -9.69
N ILE A 70 19.45 16.24 -9.50
CA ILE A 70 18.10 16.72 -9.79
C ILE A 70 18.21 17.85 -10.81
N SER A 71 17.20 17.95 -11.67
CA SER A 71 17.21 18.96 -12.72
C SER A 71 15.78 19.30 -13.08
N LYS A 72 15.57 20.56 -13.51
CA LYS A 72 14.25 21.06 -13.84
C LYS A 72 14.19 21.45 -15.31
N ASP A 73 12.97 21.61 -15.80
CA ASP A 73 12.74 22.07 -17.18
C ASP A 73 11.36 22.71 -17.20
N THR A 74 11.31 24.00 -16.86
CA THR A 74 10.05 24.75 -16.88
C THR A 74 9.41 24.80 -18.27
N SER A 75 10.16 24.45 -19.32
CA SER A 75 9.64 24.41 -20.68
C SER A 75 8.55 23.35 -20.81
N LYS A 76 8.95 22.07 -20.92
CA LYS A 76 8.07 20.91 -21.03
C LYS A 76 7.39 20.57 -19.72
N ASN A 77 7.55 21.50 -18.77
CA ASN A 77 7.11 21.33 -17.39
C ASN A 77 7.36 19.92 -16.88
N GLN A 78 8.64 19.61 -16.61
CA GLN A 78 9.04 18.35 -16.02
C GLN A 78 10.09 18.63 -14.94
N VAL A 79 10.30 17.64 -14.08
CA VAL A 79 11.37 17.66 -13.08
C VAL A 79 11.94 16.25 -12.99
N VAL A 80 13.26 16.12 -13.14
CA VAL A 80 13.92 14.82 -13.29
C VAL A 80 14.90 14.62 -12.14
N LEU A 81 14.85 13.45 -11.52
CA LEU A 81 15.81 13.02 -10.52
C LEU A 81 16.53 11.77 -11.02
N THR A 82 17.83 11.69 -10.72
CA THR A 82 18.67 10.58 -11.17
C THR A 82 19.37 9.98 -9.96
N MET A 83 19.19 8.67 -9.76
CA MET A 83 19.80 7.94 -8.66
C MET A 83 20.66 6.82 -9.22
N THR A 84 21.97 6.89 -8.99
CA THR A 84 22.90 5.89 -9.50
C THR A 84 23.08 4.74 -8.52
N ASN A 85 23.58 3.63 -9.04
CA ASN A 85 23.97 2.47 -8.24
C ASN A 85 22.82 2.00 -7.34
N MET A 86 21.71 1.65 -7.99
CA MET A 86 20.52 1.24 -7.26
C MET A 86 20.76 -0.10 -6.57
N ASP A 87 20.28 -0.19 -5.32
CA ASP A 87 20.38 -1.37 -4.48
C ASP A 87 18.98 -1.83 -4.10
N PRO A 88 18.78 -3.13 -3.83
CA PRO A 88 17.46 -3.59 -3.36
C PRO A 88 16.91 -2.82 -2.18
N VAL A 89 17.79 -2.20 -1.37
CA VAL A 89 17.31 -1.36 -0.27
C VAL A 89 16.62 -0.10 -0.79
N ASP A 90 16.81 0.24 -2.06
CA ASP A 90 16.16 1.40 -2.65
C ASP A 90 14.77 1.10 -3.20
N THR A 91 14.31 -0.15 -3.11
CA THR A 91 12.96 -0.49 -3.52
C THR A 91 11.95 0.27 -2.69
N ALA A 92 11.14 1.11 -3.35
CA ALA A 92 10.22 1.98 -2.63
C ALA A 92 9.24 2.59 -3.62
N THR A 93 8.18 3.18 -3.08
CA THR A 93 7.33 4.08 -3.84
C THR A 93 7.95 5.47 -3.82
N TYR A 94 8.13 6.06 -4.99
CA TYR A 94 8.82 7.34 -5.13
C TYR A 94 7.80 8.43 -5.45
N TYR A 95 7.70 9.42 -4.56
CA TYR A 95 6.75 10.51 -4.68
C TYR A 95 7.46 11.78 -5.11
N CYS A 96 6.82 12.55 -5.98
CA CYS A 96 7.22 13.93 -6.26
C CYS A 96 6.18 14.86 -5.67
N ALA A 97 6.64 15.85 -4.90
CA ALA A 97 5.76 16.73 -4.17
C ALA A 97 6.18 18.18 -4.35
N ARG A 98 5.23 19.09 -4.16
CA ARG A 98 5.48 20.51 -4.27
C ARG A 98 5.84 21.08 -2.89
N VAL A 99 6.79 22.02 -2.87
CA VAL A 99 7.29 22.60 -1.64
C VAL A 99 7.12 24.10 -1.71
N ARG A 100 6.47 24.67 -0.70
CA ARG A 100 6.31 26.12 -0.61
C ARG A 100 6.83 26.63 0.73
N THR A 108 10.05 27.99 7.15
CA THR A 108 9.83 28.71 5.89
C THR A 108 9.27 27.78 4.82
N ASP A 109 9.83 26.58 4.75
CA ASP A 109 9.44 25.60 3.75
C ASP A 109 8.38 24.65 4.28
N ARG A 110 7.64 24.05 3.35
CA ARG A 110 6.61 23.06 3.68
C ARG A 110 6.26 22.31 2.41
N ILE A 111 5.85 21.05 2.59
CA ILE A 111 5.40 20.22 1.48
C ILE A 111 3.89 20.36 1.36
N ASP A 112 3.43 20.89 0.23
CA ASP A 112 2.03 21.25 0.06
C ASP A 112 1.19 20.07 -0.43
N TYR A 113 1.50 19.57 -1.63
CA TYR A 113 0.72 18.50 -2.24
C TYR A 113 1.64 17.37 -2.70
N TRP A 114 1.09 16.16 -2.71
CA TRP A 114 1.84 14.95 -3.04
C TRP A 114 1.25 14.29 -4.27
N GLY A 115 2.13 13.75 -5.11
CA GLY A 115 1.68 12.91 -6.22
C GLY A 115 1.30 11.52 -5.74
N GLN A 116 0.75 10.74 -6.66
CA GLN A 116 0.33 9.39 -6.32
C GLN A 116 1.51 8.45 -6.08
N GLY A 117 2.68 8.78 -6.59
CA GLY A 117 3.87 7.96 -6.38
C GLY A 117 3.98 6.83 -7.38
N VAL A 118 5.22 6.52 -7.74
CA VAL A 118 5.52 5.42 -8.66
C VAL A 118 6.30 4.36 -7.88
N LEU A 119 5.91 3.10 -8.06
CA LEU A 119 6.56 1.99 -7.39
C LEU A 119 7.75 1.52 -8.21
N VAL A 120 8.92 1.45 -7.57
CA VAL A 120 10.14 1.02 -8.21
C VAL A 120 10.74 -0.13 -7.41
N THR A 121 10.97 -1.26 -8.08
CA THR A 121 11.55 -2.44 -7.45
C THR A 121 12.95 -2.65 -8.01
N VAL A 122 13.94 -2.73 -7.13
CA VAL A 122 15.32 -3.01 -7.52
C VAL A 122 15.56 -4.49 -7.27
N SER A 123 15.66 -5.25 -8.36
CA SER A 123 15.79 -6.70 -8.26
C SER A 123 16.60 -7.22 -9.45
N SER A 124 17.28 -8.34 -9.22
CA SER A 124 17.96 -9.04 -10.30
C SER A 124 17.06 -10.01 -11.04
N ALA A 125 15.84 -10.22 -10.55
CA ALA A 125 14.90 -11.14 -11.18
C ALA A 125 14.25 -10.47 -12.40
N SER A 126 13.73 -11.32 -13.29
CA SER A 126 13.18 -10.85 -14.56
C SER A 126 11.68 -10.58 -14.43
N THR A 127 11.22 -9.65 -15.26
CA THR A 127 9.79 -9.37 -15.36
C THR A 127 9.05 -10.62 -15.80
N LYS A 128 7.84 -10.82 -15.26
CA LYS A 128 7.01 -11.95 -15.67
C LYS A 128 5.55 -11.52 -15.64
N GLY A 129 4.87 -11.67 -16.77
CA GLY A 129 3.46 -11.38 -16.85
C GLY A 129 2.62 -12.41 -16.14
N PRO A 130 1.45 -12.02 -15.67
CA PRO A 130 0.62 -12.93 -14.88
C PRO A 130 -0.22 -13.86 -15.74
N SER A 131 -0.60 -14.98 -15.12
CA SER A 131 -1.62 -15.87 -15.65
C SER A 131 -2.91 -15.60 -14.89
N VAL A 132 -3.97 -15.27 -15.63
CA VAL A 132 -5.24 -14.87 -15.03
C VAL A 132 -6.23 -16.03 -15.14
N PHE A 133 -6.75 -16.47 -14.00
CA PHE A 133 -7.72 -17.56 -13.97
C PHE A 133 -9.01 -17.08 -13.34
N PRO A 134 -10.16 -17.55 -13.84
CA PRO A 134 -11.43 -17.11 -13.26
C PRO A 134 -11.68 -17.79 -11.91
N LEU A 135 -12.23 -17.02 -10.98
CA LEU A 135 -12.68 -17.55 -9.70
C LEU A 135 -14.19 -17.69 -9.81
N ALA A 136 -14.63 -18.86 -10.27
CA ALA A 136 -16.04 -19.11 -10.54
C ALA A 136 -16.79 -19.40 -9.24
N PRO A 137 -18.04 -18.92 -9.12
CA PRO A 137 -18.95 -19.09 -7.98
C PRO A 137 -18.86 -20.45 -7.28
N ARG A 140 -19.39 -24.36 -6.11
CA ARG A 140 -20.78 -23.98 -6.36
C ARG A 140 -21.19 -22.80 -5.51
N SER A 141 -20.54 -22.68 -4.36
CA SER A 141 -21.08 -22.01 -3.19
C SER A 141 -22.59 -22.15 -3.24
N THR A 142 -23.08 -23.39 -3.09
CA THR A 142 -24.44 -23.81 -3.43
C THR A 142 -25.46 -22.70 -3.23
N SER A 143 -25.66 -21.94 -4.31
CA SER A 143 -26.10 -20.53 -4.37
C SER A 143 -26.84 -19.98 -3.16
N GLU A 144 -26.23 -18.97 -2.53
CA GLU A 144 -26.89 -18.10 -1.57
C GLU A 144 -27.42 -16.86 -2.30
N SER A 145 -27.95 -15.89 -1.54
CA SER A 145 -28.54 -14.72 -2.17
C SER A 145 -27.50 -13.90 -2.93
N THR A 146 -26.23 -13.98 -2.51
CA THR A 146 -25.13 -13.35 -3.23
C THR A 146 -24.13 -14.41 -3.65
N ALA A 147 -23.39 -14.10 -4.71
CA ALA A 147 -22.34 -14.99 -5.20
C ALA A 147 -21.05 -14.20 -5.31
N ALA A 148 -19.94 -14.84 -4.95
CA ALA A 148 -18.61 -14.25 -5.06
C ALA A 148 -17.92 -14.83 -6.29
N LEU A 149 -17.54 -13.94 -7.21
CA LEU A 149 -16.79 -14.33 -8.39
C LEU A 149 -15.61 -13.38 -8.54
N GLY A 150 -14.54 -13.86 -9.16
CA GLY A 150 -13.37 -13.01 -9.23
C GLY A 150 -12.31 -13.55 -10.16
N CYS A 151 -11.13 -12.97 -10.04
CA CYS A 151 -9.99 -13.35 -10.88
C CYS A 151 -8.76 -13.57 -10.02
N LEU A 152 -8.03 -14.64 -10.34
CA LEU A 152 -6.78 -14.96 -9.68
C LEU A 152 -5.65 -14.53 -10.61
N VAL A 153 -4.94 -13.46 -10.21
CA VAL A 153 -3.81 -12.94 -10.97
C VAL A 153 -2.56 -13.63 -10.42
N LYS A 154 -2.07 -14.63 -11.15
CA LYS A 154 -1.15 -15.62 -10.62
C LYS A 154 0.26 -15.46 -11.19
N ASP A 155 1.25 -15.48 -10.32
CA ASP A 155 2.67 -15.61 -10.68
C ASP A 155 3.13 -14.48 -11.61
N TYR A 156 3.27 -13.31 -11.01
CA TYR A 156 3.77 -12.14 -11.75
C TYR A 156 4.87 -11.47 -10.95
N PHE A 157 5.67 -10.67 -11.67
CA PHE A 157 6.75 -9.89 -11.05
C PHE A 157 7.16 -8.80 -12.03
N PRO A 158 7.37 -7.56 -11.57
CA PRO A 158 7.19 -7.16 -10.18
C PRO A 158 5.81 -6.58 -9.92
N GLU A 159 5.60 -6.03 -8.73
CA GLU A 159 4.44 -5.21 -8.46
C GLU A 159 4.56 -3.91 -9.26
N PRO A 160 3.43 -3.22 -9.50
CA PRO A 160 2.06 -3.48 -9.08
C PRO A 160 1.16 -4.06 -10.17
N VAL A 161 -0.06 -4.42 -9.77
CA VAL A 161 -1.11 -4.89 -10.67
C VAL A 161 -2.38 -4.11 -10.32
N THR A 162 -3.10 -3.69 -11.36
CA THR A 162 -4.38 -3.01 -11.19
C THR A 162 -5.49 -3.88 -11.76
N VAL A 163 -6.63 -3.92 -11.07
CA VAL A 163 -7.78 -4.70 -11.49
C VAL A 163 -9.03 -3.84 -11.40
N SER A 164 -9.78 -3.77 -12.50
CA SER A 164 -11.11 -3.20 -12.52
C SER A 164 -12.09 -4.27 -13.00
N TRP A 165 -13.37 -3.95 -12.93
CA TRP A 165 -14.42 -4.88 -13.33
C TRP A 165 -15.35 -4.21 -14.32
N ASN A 166 -15.58 -4.88 -15.46
CA ASN A 166 -16.47 -4.39 -16.51
C ASN A 166 -16.06 -2.99 -16.97
N SER A 167 -14.75 -2.82 -17.18
CA SER A 167 -14.18 -1.56 -17.68
C SER A 167 -14.46 -0.40 -16.73
N GLY A 168 -14.44 -0.68 -15.42
CA GLY A 168 -14.67 0.33 -14.42
C GLY A 168 -16.13 0.67 -14.17
N SER A 169 -17.06 0.07 -14.91
CA SER A 169 -18.48 0.35 -14.71
C SER A 169 -19.06 -0.40 -13.51
N LEU A 170 -18.36 -1.40 -12.99
CA LEU A 170 -18.81 -2.18 -11.84
C LEU A 170 -17.82 -1.93 -10.70
N THR A 171 -18.24 -1.14 -9.71
CA THR A 171 -17.37 -0.77 -8.59
C THR A 171 -17.94 -1.10 -7.23
N SER A 172 -19.20 -1.52 -7.12
CA SER A 172 -19.87 -1.57 -5.82
C SER A 172 -19.33 -2.70 -4.95
N GLY A 173 -19.43 -3.94 -5.42
CA GLY A 173 -19.07 -5.09 -4.61
C GLY A 173 -17.63 -5.52 -4.77
N VAL A 174 -16.77 -4.59 -5.18
CA VAL A 174 -15.39 -4.90 -5.54
C VAL A 174 -14.52 -4.93 -4.30
N HIS A 175 -13.62 -5.92 -4.25
CA HIS A 175 -12.53 -5.95 -3.28
C HIS A 175 -11.35 -6.65 -3.91
N THR A 176 -10.28 -5.90 -4.18
CA THR A 176 -9.03 -6.47 -4.66
C THR A 176 -8.08 -6.62 -3.47
N PHE A 177 -7.61 -7.83 -3.26
CA PHE A 177 -6.82 -8.14 -2.08
C PHE A 177 -5.33 -7.91 -2.33
N PRO A 178 -4.60 -7.49 -1.30
CA PRO A 178 -3.15 -7.36 -1.43
C PRO A 178 -2.52 -8.70 -1.82
N ALA A 179 -1.44 -8.60 -2.58
CA ALA A 179 -0.83 -9.79 -3.17
C ALA A 179 -0.05 -10.58 -2.13
N VAL A 180 0.07 -11.88 -2.38
CA VAL A 180 0.95 -12.76 -1.62
C VAL A 180 2.26 -12.89 -2.37
N LEU A 181 3.36 -13.00 -1.63
CA LEU A 181 4.69 -13.18 -2.20
C LEU A 181 5.15 -14.60 -1.86
N GLN A 182 5.27 -15.43 -2.89
CA GLN A 182 5.75 -16.79 -2.70
C GLN A 182 7.27 -16.83 -2.63
N SER A 183 7.79 -17.91 -2.06
CA SER A 183 9.24 -18.10 -2.02
C SER A 183 9.84 -18.19 -3.41
N SER A 184 9.01 -18.43 -4.43
CA SER A 184 9.45 -18.35 -5.82
C SER A 184 9.95 -16.96 -6.19
N GLY A 185 9.54 -15.93 -5.45
CA GLY A 185 9.77 -14.57 -5.86
C GLY A 185 8.67 -13.99 -6.72
N LEU A 186 7.59 -14.73 -6.94
CA LEU A 186 6.48 -14.30 -7.79
C LEU A 186 5.28 -13.94 -6.92
N TYR A 187 4.57 -12.88 -7.33
CA TYR A 187 3.38 -12.44 -6.62
C TYR A 187 2.12 -13.08 -7.20
N SER A 188 1.09 -13.14 -6.36
CA SER A 188 -0.24 -13.54 -6.80
C SER A 188 -1.26 -12.78 -5.96
N LEU A 189 -2.33 -12.31 -6.61
CA LEU A 189 -3.41 -11.65 -5.91
C LEU A 189 -4.73 -12.15 -6.47
N SER A 190 -5.80 -11.84 -5.74
CA SER A 190 -7.15 -12.16 -6.15
C SER A 190 -8.02 -10.91 -6.02
N SER A 191 -8.86 -10.68 -7.02
CA SER A 191 -9.86 -9.64 -6.99
C SER A 191 -11.23 -10.29 -7.16
N VAL A 192 -12.17 -9.96 -6.29
CA VAL A 192 -13.50 -10.57 -6.33
C VAL A 192 -14.56 -9.48 -6.19
N VAL A 193 -15.70 -9.71 -6.83
CA VAL A 193 -16.87 -8.86 -6.71
C VAL A 193 -18.03 -9.71 -6.20
N THR A 194 -18.79 -9.15 -5.25
CA THR A 194 -19.96 -9.82 -4.70
C THR A 194 -21.20 -9.25 -5.37
N VAL A 195 -21.97 -10.10 -6.03
CA VAL A 195 -23.12 -9.67 -6.81
C VAL A 195 -24.33 -10.49 -6.38
N PRO A 196 -25.53 -9.96 -6.58
CA PRO A 196 -26.74 -10.78 -6.35
C PRO A 196 -26.75 -11.97 -7.30
N SER A 197 -27.03 -13.15 -6.75
CA SER A 197 -27.12 -14.35 -7.57
C SER A 197 -28.18 -14.22 -8.64
N SER A 198 -29.15 -13.32 -8.47
CA SER A 198 -30.10 -13.03 -9.53
C SER A 198 -29.40 -12.47 -10.76
N SER A 199 -28.23 -11.86 -10.58
CA SER A 199 -27.58 -11.08 -11.62
C SER A 199 -26.55 -11.86 -12.43
N LEU A 200 -26.46 -13.18 -12.23
CA LEU A 200 -25.42 -13.95 -12.91
C LEU A 200 -25.77 -14.30 -14.35
N GLY A 201 -27.01 -14.10 -14.77
CA GLY A 201 -27.38 -14.29 -16.17
C GLY A 201 -27.74 -12.99 -16.83
N THR A 202 -28.32 -12.07 -16.05
CA THR A 202 -28.60 -10.74 -16.56
C THR A 202 -27.35 -10.03 -17.04
N GLN A 203 -26.20 -10.34 -16.45
CA GLN A 203 -25.01 -9.54 -16.66
C GLN A 203 -23.77 -10.39 -16.83
N THR A 204 -22.92 -9.97 -17.76
CA THR A 204 -21.61 -10.57 -17.95
C THR A 204 -20.60 -9.87 -17.04
N TYR A 205 -19.57 -10.63 -16.63
CA TYR A 205 -18.58 -10.13 -15.68
C TYR A 205 -17.19 -10.41 -16.21
N VAL A 206 -16.41 -9.35 -16.43
CA VAL A 206 -15.05 -9.46 -16.95
C VAL A 206 -14.13 -8.64 -16.05
N CYS A 207 -13.01 -9.23 -15.64
CA CYS A 207 -11.99 -8.48 -14.91
C CYS A 207 -10.97 -7.91 -15.88
N ASN A 208 -10.55 -6.67 -15.62
CA ASN A 208 -9.57 -5.96 -16.43
C ASN A 208 -8.28 -5.91 -15.63
N VAL A 209 -7.38 -6.85 -15.90
CA VAL A 209 -6.10 -6.91 -15.21
C VAL A 209 -5.07 -6.17 -16.04
N ASN A 210 -4.29 -5.31 -15.39
CA ASN A 210 -3.23 -4.56 -16.05
C ASN A 210 -1.94 -4.75 -15.27
N HIS A 211 -0.95 -5.36 -15.90
CA HIS A 211 0.40 -5.49 -15.36
C HIS A 211 1.32 -4.68 -16.26
N LYS A 212 1.35 -3.37 -16.03
CA LYS A 212 2.20 -2.48 -16.82
C LYS A 212 3.67 -2.88 -16.85
N PRO A 213 4.28 -3.40 -15.78
CA PRO A 213 5.68 -3.83 -15.89
C PRO A 213 5.96 -4.82 -17.02
N SER A 214 4.97 -5.64 -17.40
CA SER A 214 5.12 -6.59 -18.49
C SER A 214 4.41 -6.15 -19.76
N ASN A 215 3.81 -4.96 -19.77
CA ASN A 215 3.07 -4.44 -20.92
C ASN A 215 1.94 -5.39 -21.33
N THR A 216 1.28 -5.98 -20.33
CA THR A 216 0.22 -6.94 -20.55
C THR A 216 -1.06 -6.48 -19.90
N LYS A 217 -2.14 -6.43 -20.68
CA LYS A 217 -3.49 -6.27 -20.17
C LYS A 217 -4.30 -7.51 -20.53
N VAL A 218 -5.08 -7.99 -19.57
CA VAL A 218 -5.92 -9.17 -19.80
C VAL A 218 -7.32 -8.83 -19.32
N ASP A 219 -8.29 -8.98 -20.21
CA ASP A 219 -9.71 -8.87 -19.87
C ASP A 219 -10.26 -10.29 -19.89
N LYS A 220 -10.42 -10.89 -18.71
CA LYS A 220 -10.86 -12.27 -18.57
C LYS A 220 -12.31 -12.29 -18.12
N ARG A 221 -13.20 -12.91 -18.88
CA ARG A 221 -14.54 -13.08 -18.37
C ARG A 221 -14.65 -14.30 -17.47
N VAL A 222 -15.53 -14.20 -16.50
CA VAL A 222 -15.78 -15.20 -15.48
C VAL A 222 -17.15 -15.76 -15.77
N GLU A 223 -17.19 -16.92 -16.43
CA GLU A 223 -18.43 -17.54 -16.84
C GLU A 223 -18.92 -18.52 -15.77
N ILE A 224 -19.91 -19.34 -16.13
CA ILE A 224 -20.73 -20.09 -15.18
C ILE A 224 -21.36 -19.13 -14.20
N SER B 2 21.91 15.35 15.50
CA SER B 2 21.80 14.10 14.74
C SER B 2 20.86 13.13 15.42
N VAL B 3 19.57 13.49 15.44
CA VAL B 3 18.56 12.70 16.13
C VAL B 3 17.17 13.16 15.72
N LEU B 4 16.22 12.23 15.62
CA LEU B 4 14.82 12.56 15.40
C LEU B 4 14.00 11.34 15.81
N THR B 5 13.66 11.26 17.08
CA THR B 5 13.00 10.10 17.67
C THR B 5 11.49 10.30 17.71
N GLN B 6 10.76 9.25 17.33
CA GLN B 6 9.32 9.21 17.35
C GLN B 6 8.89 7.85 17.89
N PRO B 7 7.92 7.79 18.80
CA PRO B 7 7.40 6.50 19.24
C PRO B 7 6.72 5.78 18.09
N PRO B 8 7.09 4.53 17.83
CA PRO B 8 6.51 3.83 16.67
C PRO B 8 5.01 3.62 16.77
N SER B 9 4.46 3.50 17.98
CA SER B 9 3.03 3.27 18.14
C SER B 9 2.52 4.01 19.36
N VAL B 10 1.38 4.70 19.20
CA VAL B 10 0.64 5.28 20.30
C VAL B 10 -0.83 4.94 20.11
N SER B 11 -1.61 5.11 21.18
CA SER B 11 -3.03 4.85 21.11
C SER B 11 -3.76 5.72 22.12
N GLY B 12 -4.98 6.13 21.76
CA GLY B 12 -5.80 6.94 22.63
C GLY B 12 -7.23 6.46 22.62
N ALA B 13 -8.01 6.97 23.59
CA ALA B 13 -9.40 6.59 23.73
C ALA B 13 -10.30 7.50 22.89
N PRO B 14 -11.42 6.97 22.39
CA PRO B 14 -12.31 7.79 21.55
C PRO B 14 -12.84 8.99 22.31
N GLY B 15 -12.87 10.13 21.63
CA GLY B 15 -13.38 11.36 22.21
C GLY B 15 -12.42 12.08 23.13
N GLN B 16 -11.18 11.61 23.25
CA GLN B 16 -10.19 12.20 24.13
C GLN B 16 -9.09 12.86 23.33
N ARG B 17 -8.06 13.33 24.02
CA ARG B 17 -6.89 13.93 23.40
C ARG B 17 -5.73 12.93 23.36
N VAL B 18 -4.81 13.16 22.43
CA VAL B 18 -3.64 12.30 22.27
C VAL B 18 -2.52 13.15 21.70
N THR B 19 -1.29 12.83 22.12
CA THR B 19 -0.11 13.58 21.73
C THR B 19 0.89 12.68 21.02
N ILE B 20 1.48 13.20 19.95
CA ILE B 20 2.56 12.56 19.23
C ILE B 20 3.76 13.50 19.25
N SER B 21 4.88 13.04 19.80
CA SER B 21 6.03 13.89 20.06
C SER B 21 7.24 13.43 19.26
N CYS B 22 7.97 14.40 18.71
CA CYS B 22 9.24 14.17 18.04
C CYS B 22 10.35 14.81 18.87
N THR B 23 11.26 13.99 19.39
CA THR B 23 12.38 14.44 20.20
C THR B 23 13.63 14.52 19.34
N GLY B 24 14.45 15.54 19.60
CA GLY B 24 15.69 15.75 18.85
C GLY B 24 16.75 16.47 19.65
N SER B 25 17.45 17.39 19.01
CA SER B 25 18.60 18.05 19.64
C SER B 25 18.64 19.51 19.18
N SER B 26 19.80 20.14 19.38
CA SER B 26 19.99 21.54 19.01
C SER B 26 20.05 21.77 17.52
N SER B 27 20.19 20.69 16.72
CA SER B 27 20.39 20.84 15.28
C SER B 27 19.11 20.68 14.47
N ASN B 28 18.05 20.10 15.06
CA ASN B 28 16.85 19.77 14.30
C ASN B 28 15.71 20.65 14.77
N ILE B 29 14.87 20.18 15.71
CA ILE B 29 13.68 20.93 16.09
C ILE B 29 14.04 22.25 16.75
N GLY B 30 15.06 22.23 17.62
CA GLY B 30 15.54 23.46 18.22
C GLY B 30 16.22 24.34 17.20
N GLY B 31 15.53 25.40 16.78
CA GLY B 31 16.08 26.34 15.82
C GLY B 31 15.61 26.16 14.40
N TYR B 32 14.72 25.22 14.14
CA TYR B 32 14.21 25.00 12.78
C TYR B 32 12.75 24.57 12.86
N TYR B 33 11.99 24.97 11.84
CA TYR B 33 10.55 24.77 11.85
C TYR B 33 10.20 23.31 11.61
N VAL B 34 9.02 22.92 12.10
CA VAL B 34 8.58 21.53 12.07
C VAL B 34 7.22 21.46 11.37
N SER B 35 7.07 20.46 10.50
CA SER B 35 5.82 20.19 9.82
C SER B 35 5.31 18.81 10.21
N TRP B 36 3.99 18.63 10.12
CA TRP B 36 3.35 17.38 10.46
C TRP B 36 2.53 16.89 9.26
N TYR B 37 2.50 15.56 9.08
CA TYR B 37 1.83 14.97 7.93
C TYR B 37 1.11 13.70 8.38
N GLN B 38 -0.03 13.44 7.77
CA GLN B 38 -0.85 12.25 8.06
C GLN B 38 -0.94 11.39 6.81
N GLN B 39 -0.82 10.08 7.00
CA GLN B 39 -0.95 9.11 5.90
C GLN B 39 -1.97 8.04 6.29
N LEU B 40 -3.16 8.14 5.72
CA LEU B 40 -4.15 7.08 5.85
C LEU B 40 -3.70 5.85 5.07
N PRO B 41 -4.21 4.67 5.41
CA PRO B 41 -3.78 3.45 4.72
C PRO B 41 -4.01 3.52 3.23
N GLY B 42 -2.96 3.22 2.46
CA GLY B 42 -3.06 3.12 1.02
C GLY B 42 -3.21 4.43 0.27
N THR B 43 -3.03 5.56 0.93
CA THR B 43 -3.11 6.87 0.28
C THR B 43 -1.83 7.65 0.52
N THR B 44 -1.73 8.78 -0.17
CA THR B 44 -0.57 9.64 -0.10
C THR B 44 -0.61 10.51 1.16
N PRO B 45 0.55 10.95 1.66
CA PRO B 45 0.55 11.81 2.84
C PRO B 45 -0.18 13.13 2.60
N LYS B 46 -0.65 13.73 3.70
CA LYS B 46 -1.38 14.99 3.65
C LYS B 46 -0.81 15.93 4.71
N LEU B 47 -0.64 17.19 4.31
CA LEU B 47 -0.05 18.19 5.20
C LEU B 47 -0.98 18.48 6.37
N LEU B 48 -0.50 18.19 7.58
CA LEU B 48 -1.26 18.50 8.79
C LEU B 48 -0.98 19.93 9.24
N ILE B 49 0.17 20.13 9.87
CA ILE B 49 0.57 21.42 10.43
C ILE B 49 1.86 21.86 9.76
N TYR B 50 1.96 23.14 9.47
CA TYR B 50 3.22 23.74 9.03
C TYR B 50 3.49 25.01 9.82
N GLN B 51 4.75 25.45 9.77
CA GLN B 51 5.21 26.59 10.58
C GLN B 51 4.94 26.34 12.06
N ASP B 52 5.13 25.10 12.49
CA ASP B 52 4.98 24.67 13.88
C ASP B 52 3.55 24.74 14.38
N ASN B 53 2.84 25.83 14.09
CA ASN B 53 1.50 26.05 14.63
C ASN B 53 0.41 26.17 13.57
N LYS B 54 0.75 26.50 12.33
CA LYS B 54 -0.26 26.91 11.36
C LYS B 54 -0.84 25.73 10.60
N ARG B 55 -2.16 25.74 10.44
CA ARG B 55 -2.89 24.78 9.63
C ARG B 55 -3.38 25.42 8.35
N PRO B 56 -3.23 24.75 7.21
CA PRO B 56 -3.82 25.28 5.97
C PRO B 56 -5.34 25.18 6.00
N SER B 57 -6.01 25.62 4.95
CA SER B 57 -7.46 25.59 4.93
C SER B 57 -7.96 24.17 4.66
N GLY B 58 -9.22 23.93 5.02
CA GLY B 58 -9.82 22.61 4.93
C GLY B 58 -9.36 21.64 5.99
N VAL B 59 -8.25 21.92 6.67
CA VAL B 59 -7.77 21.01 7.72
C VAL B 59 -8.68 21.12 8.94
N SER B 60 -8.87 19.97 9.60
CA SER B 60 -9.62 19.97 10.84
C SER B 60 -8.88 20.74 11.92
N ASP B 61 -9.63 21.47 12.77
CA ASP B 61 -8.99 22.12 13.89
C ASP B 61 -8.96 21.26 15.14
N ARG B 62 -9.10 19.94 14.98
CA ARG B 62 -8.77 19.02 16.05
C ARG B 62 -7.25 18.84 16.22
N PHE B 63 -6.48 19.27 15.23
CA PHE B 63 -5.03 19.08 15.21
C PHE B 63 -4.30 20.39 15.49
N SER B 64 -3.15 20.29 16.14
CA SER B 64 -2.33 21.46 16.43
C SER B 64 -0.93 21.02 16.83
N GLY B 65 0.04 21.89 16.58
CA GLY B 65 1.44 21.63 16.89
C GLY B 65 1.93 22.50 18.03
N SER B 66 2.86 21.97 18.81
CA SER B 66 3.36 22.64 20.01
C SER B 66 4.88 22.66 19.99
N LYS B 67 5.45 23.83 20.26
CA LYS B 67 6.89 24.04 20.28
C LYS B 67 7.39 24.17 21.71
N SER B 68 8.59 23.64 21.97
CA SER B 68 9.27 23.79 23.25
C SER B 68 10.65 23.15 23.25
N GLY B 69 11.65 23.85 22.71
CA GLY B 69 13.02 23.37 22.76
C GLY B 69 13.35 22.30 21.74
N THR B 70 13.82 21.15 22.21
CA THR B 70 14.15 20.02 21.34
C THR B 70 12.99 19.05 21.19
N SER B 71 11.76 19.51 21.42
CA SER B 71 10.58 18.66 21.36
C SER B 71 9.48 19.35 20.58
N ALA B 72 8.88 18.62 19.65
CA ALA B 72 7.73 19.07 18.89
C ALA B 72 6.61 18.06 19.06
N SER B 73 5.38 18.54 19.22
CA SER B 73 4.25 17.69 19.55
C SER B 73 3.05 18.02 18.67
N LEU B 74 2.34 16.98 18.25
CA LEU B 74 1.08 17.13 17.54
C LEU B 74 -0.05 16.61 18.42
N THR B 75 -1.08 17.41 18.59
CA THR B 75 -2.21 17.09 19.45
C THR B 75 -3.46 16.88 18.61
N ILE B 76 -4.25 15.87 18.97
CA ILE B 76 -5.50 15.55 18.29
C ILE B 76 -6.60 15.54 19.33
N THR B 77 -7.49 16.52 19.27
CA THR B 77 -8.65 16.58 20.16
C THR B 77 -9.81 15.79 19.56
N GLY B 78 -10.76 15.43 20.42
CA GLY B 78 -11.94 14.68 20.00
C GLY B 78 -11.62 13.50 19.12
N LEU B 79 -10.76 12.60 19.62
CA LEU B 79 -10.26 11.49 18.81
C LEU B 79 -11.40 10.65 18.26
N GLN B 80 -11.31 10.31 16.98
CA GLN B 80 -12.31 9.51 16.29
C GLN B 80 -11.60 8.41 15.52
N THR B 81 -12.37 7.37 15.17
CA THR B 81 -11.79 6.21 14.50
C THR B 81 -11.18 6.58 13.15
N GLU B 82 -11.68 7.66 12.53
CA GLU B 82 -11.18 8.10 11.23
C GLU B 82 -9.78 8.70 11.35
N ASP B 83 -9.28 8.81 12.58
CA ASP B 83 -7.96 9.37 12.80
C ASP B 83 -6.85 8.33 12.83
N GLU B 84 -7.19 7.04 12.78
CA GLU B 84 -6.17 6.00 12.73
C GLU B 84 -5.35 6.13 11.45
N ALA B 85 -4.07 6.44 11.61
CA ALA B 85 -3.17 6.65 10.48
C ALA B 85 -1.75 6.70 11.01
N ASP B 86 -0.80 6.84 10.09
CA ASP B 86 0.60 7.07 10.43
C ASP B 86 0.89 8.56 10.36
N TYR B 87 1.56 9.08 11.38
CA TYR B 87 1.83 10.51 11.50
C TYR B 87 3.32 10.75 11.54
N TYR B 88 3.79 11.66 10.70
CA TYR B 88 5.21 11.97 10.56
C TYR B 88 5.47 13.44 10.86
N CYS B 89 6.63 13.71 11.44
CA CYS B 89 7.14 15.07 11.60
C CYS B 89 8.30 15.29 10.62
N LEU B 90 8.66 16.56 10.44
CA LEU B 90 9.67 16.92 9.45
C LEU B 90 10.36 18.21 9.87
N SER B 91 11.69 18.23 9.77
CA SER B 91 12.47 19.41 10.11
C SER B 91 13.87 19.26 9.55
N TYR B 92 14.52 20.40 9.30
CA TYR B 92 15.90 20.44 8.84
C TYR B 92 16.85 20.16 10.00
N ASP B 93 18.04 19.67 9.67
CA ASP B 93 19.07 19.35 10.66
C ASP B 93 20.41 19.89 10.19
N THR B 94 21.06 20.72 11.04
CA THR B 94 22.41 21.20 10.77
C THR B 94 23.41 20.15 11.24
N SER B 95 23.53 19.09 10.46
CA SER B 95 24.53 18.05 10.63
C SER B 95 24.55 17.26 9.34
N PHE B 96 23.39 17.25 8.68
CA PHE B 96 23.18 16.73 7.34
C PHE B 96 22.66 17.87 6.47
N SER B 97 22.45 17.60 5.18
CA SER B 97 22.27 18.68 4.21
C SER B 97 20.83 19.11 4.00
N GLY B 98 19.85 18.36 4.48
CA GLY B 98 18.45 18.64 4.16
C GLY B 98 17.49 18.22 5.25
N TRP B 99 16.31 17.79 4.82
CA TRP B 99 15.21 17.50 5.72
C TRP B 99 15.29 16.09 6.27
N ARG B 100 14.86 15.93 7.51
CA ARG B 100 14.78 14.64 8.18
C ARG B 100 13.32 14.35 8.51
N PHE B 101 12.87 13.13 8.21
CA PHE B 101 11.56 12.67 8.64
C PHE B 101 11.69 11.88 9.93
N GLY B 102 10.70 12.03 10.81
CA GLY B 102 10.62 11.14 11.95
C GLY B 102 10.32 9.72 11.52
N GLY B 103 10.55 8.79 12.45
CA GLY B 103 10.27 7.39 12.17
C GLY B 103 8.81 7.11 11.87
N GLY B 104 7.91 8.00 12.27
CA GLY B 104 6.50 7.80 12.05
C GLY B 104 5.82 7.14 13.24
N THR B 105 4.64 7.60 13.59
CA THR B 105 3.88 7.07 14.72
C THR B 105 2.56 6.51 14.21
N ARG B 106 2.33 5.22 14.45
CA ARG B 106 1.07 4.59 14.09
C ARG B 106 0.06 4.83 15.21
N LEU B 107 -1.05 5.48 14.87
CA LEU B 107 -2.07 5.83 15.84
C LEU B 107 -3.18 4.79 15.85
N THR B 108 -3.49 4.27 17.03
CA THR B 108 -4.60 3.34 17.24
C THR B 108 -5.66 4.02 18.11
N VAL B 109 -6.92 3.82 17.76
CA VAL B 109 -8.05 4.28 18.58
C VAL B 109 -8.65 3.05 19.24
N LEU B 110 -8.82 3.12 20.56
CA LEU B 110 -8.99 1.93 21.40
C LEU B 110 -10.45 1.47 21.55
N GLY B 111 -11.42 2.20 21.03
CA GLY B 111 -12.81 1.87 21.31
C GLY B 111 -13.51 1.06 20.24
N GLN B 112 -12.76 0.26 19.48
CA GLN B 112 -13.50 -0.32 18.36
C GLN B 112 -13.92 -1.76 18.66
N PRO B 113 -15.13 -2.12 18.26
CA PRO B 113 -15.65 -3.45 18.59
C PRO B 113 -15.12 -4.54 17.68
N LYS B 114 -15.20 -5.77 18.17
CA LYS B 114 -14.76 -6.92 17.40
C LYS B 114 -15.68 -7.15 16.21
N ALA B 115 -15.07 -7.49 15.07
CA ALA B 115 -15.79 -7.91 13.88
C ALA B 115 -15.24 -9.25 13.43
N SER B 116 -16.12 -10.23 13.28
CA SER B 116 -15.67 -11.56 12.89
C SER B 116 -15.49 -11.62 11.36
N PRO B 117 -14.54 -12.42 10.89
CA PRO B 117 -14.19 -12.38 9.47
C PRO B 117 -15.20 -13.10 8.58
N THR B 118 -15.33 -12.59 7.36
CA THR B 118 -16.02 -13.29 6.29
C THR B 118 -15.00 -14.10 5.51
N VAL B 119 -15.31 -15.37 5.28
CA VAL B 119 -14.40 -16.30 4.63
C VAL B 119 -15.03 -16.79 3.34
N THR B 120 -14.29 -16.66 2.24
CA THR B 120 -14.72 -17.13 0.93
C THR B 120 -13.63 -18.04 0.36
N LEU B 121 -14.01 -19.26 0.01
CA LEU B 121 -13.07 -20.27 -0.45
C LEU B 121 -13.40 -20.66 -1.89
N PHE B 122 -12.42 -20.51 -2.79
CA PHE B 122 -12.57 -20.89 -4.18
C PHE B 122 -11.77 -22.14 -4.47
N PRO B 123 -12.34 -23.11 -5.20
CA PRO B 123 -11.55 -24.23 -5.67
C PRO B 123 -10.72 -23.81 -6.89
N PRO B 124 -9.81 -24.66 -7.36
CA PRO B 124 -9.06 -24.31 -8.56
C PRO B 124 -9.94 -24.25 -9.80
N SER B 125 -9.53 -23.39 -10.73
CA SER B 125 -10.27 -23.22 -11.98
C SER B 125 -10.09 -24.44 -12.89
N SER B 126 -11.00 -24.57 -13.85
CA SER B 126 -10.83 -25.60 -14.87
C SER B 126 -9.61 -25.32 -15.74
N GLU B 127 -9.27 -24.04 -15.94
CA GLU B 127 -8.11 -23.69 -16.75
C GLU B 127 -6.81 -24.11 -16.07
N GLU B 128 -6.72 -23.91 -14.75
CA GLU B 128 -5.47 -24.21 -14.05
C GLU B 128 -5.26 -25.71 -13.90
N LEU B 129 -6.33 -26.47 -13.67
CA LEU B 129 -6.22 -27.92 -13.64
C LEU B 129 -5.74 -28.46 -14.98
N GLN B 130 -6.12 -27.81 -16.08
CA GLN B 130 -5.62 -28.23 -17.38
C GLN B 130 -4.12 -28.03 -17.50
N ALA B 131 -3.56 -27.08 -16.76
CA ALA B 131 -2.12 -26.90 -16.67
C ALA B 131 -1.50 -27.72 -15.56
N ASN B 132 -2.24 -28.69 -15.01
CA ASN B 132 -1.78 -29.63 -13.99
C ASN B 132 -1.48 -28.97 -12.65
N LYS B 133 -2.11 -27.83 -12.36
CA LYS B 133 -1.92 -27.13 -11.10
C LYS B 133 -3.27 -26.85 -10.46
N ALA B 134 -3.22 -26.51 -9.17
CA ALA B 134 -4.45 -26.28 -8.41
C ALA B 134 -4.13 -25.33 -7.26
N THR B 135 -4.65 -24.11 -7.33
CA THR B 135 -4.48 -23.12 -6.28
C THR B 135 -5.83 -22.86 -5.61
N LEU B 136 -5.93 -23.22 -4.33
CA LEU B 136 -7.11 -22.92 -3.53
C LEU B 136 -6.95 -21.53 -2.93
N VAL B 137 -7.99 -20.72 -3.03
CA VAL B 137 -7.93 -19.32 -2.64
C VAL B 137 -8.89 -19.09 -1.48
N CYS B 138 -8.36 -18.66 -0.34
CA CYS B 138 -9.14 -18.38 0.86
C CYS B 138 -9.03 -16.90 1.19
N LEU B 139 -10.13 -16.17 0.98
CA LEU B 139 -10.16 -14.73 1.16
C LEU B 139 -10.83 -14.37 2.48
N ILE B 140 -10.16 -13.53 3.27
CA ILE B 140 -10.56 -13.20 4.63
C ILE B 140 -10.79 -11.71 4.71
N SER B 141 -12.03 -11.29 4.99
CA SER B 141 -12.40 -9.89 4.93
C SER B 141 -13.18 -9.47 6.16
N ASP B 142 -13.00 -8.19 6.52
CA ASP B 142 -13.86 -7.49 7.49
C ASP B 142 -13.73 -8.07 8.90
N PHE B 143 -12.49 -8.21 9.37
CA PHE B 143 -12.24 -8.67 10.72
C PHE B 143 -11.48 -7.61 11.52
N TYR B 144 -11.77 -7.56 12.82
CA TYR B 144 -11.13 -6.66 13.76
C TYR B 144 -11.13 -7.34 15.12
N PRO B 145 -10.01 -7.33 15.85
CA PRO B 145 -8.71 -6.74 15.48
C PRO B 145 -8.01 -7.52 14.36
N GLY B 146 -6.90 -7.00 13.87
CA GLY B 146 -6.27 -7.54 12.68
C GLY B 146 -5.28 -8.66 12.91
N VAL B 147 -5.74 -9.76 13.54
CA VAL B 147 -4.92 -10.95 13.74
C VAL B 147 -5.80 -12.16 13.46
N VAL B 148 -5.34 -13.04 12.57
CA VAL B 148 -6.01 -14.31 12.31
C VAL B 148 -4.95 -15.40 12.16
N LYS B 149 -5.36 -16.63 12.49
CA LYS B 149 -4.59 -17.82 12.18
C LYS B 149 -5.33 -18.61 11.11
N VAL B 150 -4.63 -18.99 10.06
CA VAL B 150 -5.22 -19.73 8.95
C VAL B 150 -4.57 -21.10 8.88
N ALA B 151 -5.40 -22.14 8.98
CA ALA B 151 -4.95 -23.52 8.83
C ALA B 151 -5.75 -24.17 7.72
N TRP B 152 -5.13 -25.17 7.08
CA TRP B 152 -5.76 -25.90 5.99
C TRP B 152 -5.88 -27.37 6.37
N LYS B 153 -6.95 -27.99 5.89
CA LYS B 153 -7.22 -29.40 6.15
C LYS B 153 -7.54 -30.11 4.85
N ALA B 154 -7.13 -31.38 4.78
CA ALA B 154 -7.43 -32.26 3.65
C ALA B 154 -8.05 -33.53 4.22
N ASP B 155 -9.33 -33.75 3.93
CA ASP B 155 -10.10 -34.85 4.54
C ASP B 155 -10.02 -34.77 6.07
N GLY B 156 -10.15 -33.55 6.59
CA GLY B 156 -10.12 -33.31 8.02
C GLY B 156 -8.75 -33.34 8.66
N SER B 157 -7.71 -33.70 7.93
CA SER B 157 -6.37 -33.81 8.47
C SER B 157 -5.54 -32.58 8.11
N ALA B 158 -4.66 -32.19 9.03
CA ALA B 158 -3.91 -30.94 8.89
C ALA B 158 -2.94 -31.00 7.71
N VAL B 159 -2.97 -29.96 6.88
CA VAL B 159 -2.04 -29.81 5.77
C VAL B 159 -0.78 -29.13 6.28
N ASN B 160 0.38 -29.63 5.86
CA ASN B 160 1.66 -29.21 6.42
C ASN B 160 2.56 -28.49 5.42
N ALA B 161 2.13 -28.33 4.17
CA ALA B 161 2.98 -27.71 3.15
C ALA B 161 2.12 -27.07 2.07
N GLY B 162 2.72 -26.10 1.38
CA GLY B 162 2.05 -25.44 0.28
C GLY B 162 1.11 -24.33 0.66
N VAL B 163 1.22 -23.80 1.88
CA VAL B 163 0.33 -22.75 2.38
C VAL B 163 1.12 -21.45 2.48
N GLU B 164 0.54 -20.37 1.97
CA GLU B 164 1.10 -19.04 2.14
C GLU B 164 -0.03 -18.08 2.45
N THR B 165 0.15 -17.27 3.50
CA THR B 165 -0.88 -16.35 3.96
C THR B 165 -0.28 -14.96 4.08
N THR B 166 -1.04 -13.96 3.62
CA THR B 166 -0.59 -12.59 3.68
C THR B 166 -0.78 -12.01 5.08
N THR B 167 0.02 -10.99 5.38
CA THR B 167 -0.21 -10.22 6.59
C THR B 167 -1.55 -9.51 6.49
N PRO B 168 -2.22 -9.27 7.62
CA PRO B 168 -3.44 -8.46 7.58
C PRO B 168 -3.14 -7.06 7.10
N SER B 169 -4.11 -6.48 6.40
CA SER B 169 -3.97 -5.13 5.85
C SER B 169 -5.18 -4.30 6.23
N LYS B 170 -4.93 -3.09 6.71
CA LYS B 170 -6.02 -2.16 7.03
C LYS B 170 -6.77 -1.80 5.75
N GLN B 171 -8.10 -1.87 5.81
CA GLN B 171 -8.94 -1.52 4.68
C GLN B 171 -9.62 -0.18 4.91
N SER B 172 -10.64 0.11 4.10
CA SER B 172 -11.27 1.42 4.12
C SER B 172 -11.90 1.73 5.48
N ASN B 173 -12.61 0.75 6.06
CA ASN B 173 -13.44 0.97 7.24
C ASN B 173 -12.76 0.55 8.53
N ASN B 174 -11.44 0.70 8.63
CA ASN B 174 -10.63 0.37 9.79
C ASN B 174 -10.58 -1.13 10.09
N LYS B 175 -11.32 -1.95 9.36
CA LYS B 175 -11.21 -3.39 9.53
C LYS B 175 -10.02 -3.91 8.72
N TYR B 176 -9.83 -5.22 8.72
CA TYR B 176 -8.64 -5.82 8.12
C TYR B 176 -9.04 -6.90 7.14
N ALA B 177 -8.13 -7.18 6.20
CA ALA B 177 -8.33 -8.21 5.19
C ALA B 177 -7.05 -9.02 5.04
N ALA B 178 -7.21 -10.26 4.60
CA ALA B 178 -6.08 -11.16 4.37
C ALA B 178 -6.51 -12.23 3.39
N SER B 179 -5.52 -12.97 2.89
CA SER B 179 -5.78 -14.09 2.00
C SER B 179 -4.73 -15.16 2.23
N SER B 180 -5.12 -16.41 1.95
CA SER B 180 -4.24 -17.55 2.13
C SER B 180 -4.40 -18.49 0.94
N TYR B 181 -3.29 -18.96 0.39
CA TYR B 181 -3.29 -19.77 -0.82
C TYR B 181 -2.72 -21.15 -0.51
N LEU B 182 -3.42 -22.19 -0.95
CA LEU B 182 -2.95 -23.57 -0.88
C LEU B 182 -2.60 -24.00 -2.30
N SER B 183 -1.31 -24.09 -2.60
CA SER B 183 -0.83 -24.39 -3.94
C SER B 183 -0.54 -25.88 -4.05
N LEU B 184 -1.32 -26.57 -4.89
CA LEU B 184 -1.16 -28.00 -5.11
C LEU B 184 -0.96 -28.27 -6.59
N THR B 185 -0.64 -29.52 -6.89
CA THR B 185 -0.74 -30.04 -8.25
C THR B 185 -2.16 -30.53 -8.49
N SER B 186 -2.47 -30.80 -9.77
CA SER B 186 -3.80 -31.31 -10.09
C SER B 186 -4.03 -32.69 -9.47
N ASP B 187 -2.97 -33.49 -9.34
CA ASP B 187 -3.13 -34.82 -8.75
C ASP B 187 -3.36 -34.75 -7.25
N GLN B 188 -2.64 -33.86 -6.56
CA GLN B 188 -2.86 -33.68 -5.13
C GLN B 188 -4.28 -33.21 -4.85
N TRP B 189 -4.79 -32.30 -5.68
CA TRP B 189 -6.16 -31.81 -5.53
C TRP B 189 -7.17 -32.94 -5.67
N LYS B 190 -6.91 -33.87 -6.60
CA LYS B 190 -7.80 -35.00 -6.83
C LYS B 190 -7.58 -36.13 -5.84
N SER B 191 -6.54 -36.07 -5.02
CA SER B 191 -6.22 -37.16 -4.10
C SER B 191 -7.07 -37.18 -2.84
N HIS B 192 -7.77 -36.09 -2.54
CA HIS B 192 -8.63 -36.02 -1.37
C HIS B 192 -10.05 -35.64 -1.78
N LYS B 193 -11.00 -35.94 -0.89
CA LYS B 193 -12.41 -35.65 -1.13
C LYS B 193 -12.84 -34.28 -0.63
N SER B 194 -12.06 -33.65 0.26
CA SER B 194 -12.45 -32.37 0.83
C SER B 194 -11.20 -31.58 1.19
N TYR B 195 -11.29 -30.27 1.03
CA TYR B 195 -10.27 -29.34 1.48
C TYR B 195 -10.94 -28.21 2.26
N SER B 196 -10.35 -27.83 3.38
CA SER B 196 -10.97 -26.87 4.27
C SER B 196 -10.01 -25.73 4.56
N CYS B 197 -10.53 -24.50 4.55
CA CYS B 197 -9.81 -23.33 5.05
C CYS B 197 -10.35 -23.01 6.44
N GLN B 198 -9.48 -23.08 7.44
CA GLN B 198 -9.86 -22.85 8.83
C GLN B 198 -9.28 -21.52 9.29
N VAL B 199 -10.15 -20.56 9.56
CA VAL B 199 -9.74 -19.22 9.99
C VAL B 199 -10.10 -19.05 11.45
N THR B 200 -9.07 -18.92 12.29
CA THR B 200 -9.23 -18.67 13.71
C THR B 200 -9.01 -17.18 13.97
N HIS B 201 -10.07 -16.50 14.40
CA HIS B 201 -10.02 -15.08 14.74
C HIS B 201 -10.45 -14.90 16.19
N GLU B 202 -9.54 -14.39 17.02
CA GLU B 202 -9.83 -14.09 18.42
C GLU B 202 -10.32 -15.31 19.18
N GLY B 203 -9.89 -16.49 18.73
CA GLY B 203 -10.21 -17.74 19.42
C GLY B 203 -11.30 -18.55 18.77
N SER B 204 -12.19 -17.95 18.00
CA SER B 204 -13.23 -18.71 17.32
C SER B 204 -12.78 -19.06 15.90
N THR B 205 -13.38 -20.11 15.35
CA THR B 205 -12.97 -20.66 14.07
C THR B 205 -14.13 -20.67 13.07
N VAL B 206 -13.84 -20.23 11.85
CA VAL B 206 -14.75 -20.33 10.70
C VAL B 206 -14.08 -21.23 9.67
N GLU B 207 -14.73 -22.35 9.36
CA GLU B 207 -14.20 -23.31 8.39
C GLU B 207 -15.11 -23.35 7.17
N LYS B 208 -14.51 -23.23 5.99
CA LYS B 208 -15.19 -23.42 4.71
C LYS B 208 -14.54 -24.57 3.97
N THR B 209 -15.37 -25.40 3.34
CA THR B 209 -14.91 -26.63 2.71
C THR B 209 -15.34 -26.67 1.25
N VAL B 210 -14.44 -27.15 0.39
CA VAL B 210 -14.73 -27.39 -1.02
C VAL B 210 -14.34 -28.83 -1.35
N ALA B 211 -14.95 -29.35 -2.42
CA ALA B 211 -14.73 -30.73 -2.82
C ALA B 211 -14.43 -30.81 -4.31
N PRO B 212 -13.51 -31.70 -4.72
CA PRO B 212 -13.26 -31.88 -6.15
C PRO B 212 -14.48 -32.34 -6.93
N ALA B 213 -15.37 -33.12 -6.31
CA ALA B 213 -16.57 -33.60 -6.98
C ALA B 213 -17.54 -32.45 -7.26
#